data_9FOR
#
_entry.id   9FOR
#
_cell.length_a   1.00
_cell.length_b   1.00
_cell.length_c   1.00
_cell.angle_alpha   90.00
_cell.angle_beta   90.00
_cell.angle_gamma   90.00
#
_symmetry.space_group_name_H-M   'P 1'
#
loop_
_entity.id
_entity.type
_entity.pdbx_description
1 polymer 'TAR DNA-binding protein 43'
2 polymer 'Annexin A11'
#
loop_
_entity_poly.entity_id
_entity_poly.type
_entity_poly.pdbx_seq_one_letter_code
_entity_poly.pdbx_strand_id
1 'polypeptide(L)' GNQGGFGNSRGGGAGLGNNQGSNMGGGMNFGAFSINPAMMAAAQAALQSSWGMMGMLASQQN o,A,C,E,G
2 'polypeptide(L)' LDNVATYAGQFNQDYLSGMAANMSGTFGGANMPNLY p,B,D,F,H
#
# COMPACT_ATOMS: atom_id res chain seq x y z
N GLY A 1 1.70 -37.73 1.42
CA GLY A 1 2.97 -37.37 0.84
C GLY A 1 2.84 -36.17 -0.11
N ASN A 2 1.91 -35.27 0.22
CA ASN A 2 1.75 -34.05 -0.54
C ASN A 2 2.79 -33.03 -0.09
N GLN A 3 3.16 -32.10 -0.99
CA GLN A 3 4.04 -30.99 -0.66
C GLN A 3 3.72 -29.76 -1.51
N GLY A 4 4.47 -28.67 -1.29
CA GLY A 4 4.20 -27.37 -1.90
C GLY A 4 5.07 -27.15 -3.16
N GLY A 5 5.55 -25.91 -3.36
CA GLY A 5 6.37 -25.57 -4.52
C GLY A 5 7.87 -25.41 -4.20
N PHE A 6 8.62 -24.96 -5.21
CA PHE A 6 10.07 -24.82 -5.17
C PHE A 6 10.50 -23.56 -5.91
N GLY A 7 11.20 -22.60 -5.27
CA GLY A 7 11.80 -21.55 -6.09
C GLY A 7 12.54 -20.42 -5.38
N ASN A 8 12.87 -19.38 -6.16
CA ASN A 8 13.60 -18.19 -5.71
C ASN A 8 12.82 -16.91 -6.02
N SER A 9 12.91 -15.90 -5.13
CA SER A 9 12.38 -14.56 -5.42
C SER A 9 13.28 -13.42 -4.92
N ARG A 10 13.19 -12.28 -5.60
CA ARG A 10 13.89 -11.06 -5.22
C ARG A 10 12.96 -9.86 -5.31
N GLY A 11 12.64 -9.25 -4.17
CA GLY A 11 11.83 -8.04 -4.13
C GLY A 11 10.38 -8.33 -3.77
N GLY A 12 9.76 -9.28 -4.49
CA GLY A 12 8.33 -9.51 -4.41
C GLY A 12 7.97 -10.63 -3.43
N GLY A 13 6.68 -10.70 -3.13
CA GLY A 13 6.13 -11.67 -2.21
C GLY A 13 5.89 -13.00 -2.91
N ALA A 14 6.15 -14.12 -2.21
CA ALA A 14 6.11 -15.44 -2.83
C ALA A 14 5.32 -16.45 -2.00
N GLY A 15 4.34 -17.11 -2.62
CA GLY A 15 3.56 -18.15 -1.95
C GLY A 15 3.81 -19.54 -2.52
N LEU A 16 4.30 -20.47 -1.66
CA LEU A 16 4.71 -21.81 -2.07
C LEU A 16 4.09 -22.87 -1.16
N GLY A 17 2.89 -22.61 -0.62
CA GLY A 17 2.31 -23.52 0.35
C GLY A 17 1.75 -24.82 -0.24
N ASN A 18 1.54 -25.82 0.63
CA ASN A 18 0.66 -26.93 0.39
C ASN A 18 -0.73 -26.53 0.87
N ASN A 19 -1.67 -26.26 -0.06
CA ASN A 19 -2.99 -25.72 0.26
C ASN A 19 -4.12 -26.69 -0.04
N GLN A 20 -3.79 -27.94 -0.30
CA GLN A 20 -4.76 -28.92 -0.77
C GLN A 20 -5.95 -29.07 0.19
N GLY A 21 -7.17 -29.00 -0.34
CA GLY A 21 -8.41 -29.15 0.42
C GLY A 21 -8.81 -27.98 1.35
N SER A 22 -8.15 -26.82 1.27
CA SER A 22 -8.38 -25.69 2.17
C SER A 22 -9.48 -24.73 1.69
N ASN A 23 -9.95 -23.87 2.60
CA ASN A 23 -10.79 -22.72 2.28
C ASN A 23 -9.96 -21.42 2.32
N MET A 24 -9.44 -21.02 1.15
CA MET A 24 -8.60 -19.83 1.00
C MET A 24 -7.22 -19.96 1.68
N GLY A 25 -6.65 -21.17 1.80
CA GLY A 25 -5.31 -21.34 2.38
C GLY A 25 -4.20 -20.80 1.47
N GLY A 26 -3.09 -20.31 2.06
CA GLY A 26 -1.98 -19.77 1.28
C GLY A 26 -1.26 -18.55 1.88
N GLY A 27 -1.91 -17.72 2.72
CA GLY A 27 -1.27 -16.54 3.33
C GLY A 27 -1.44 -15.24 2.54
N MET A 28 -1.15 -14.09 3.18
CA MET A 28 -1.05 -12.79 2.51
C MET A 28 0.41 -12.36 2.49
N ASN A 29 1.05 -12.27 1.31
CA ASN A 29 2.50 -12.11 1.21
C ASN A 29 2.91 -10.82 0.45
N PHE A 30 3.65 -9.90 1.07
CA PHE A 30 3.87 -8.55 0.54
C PHE A 30 5.35 -8.24 0.21
N GLY A 31 5.60 -7.37 -0.78
CA GLY A 31 6.94 -7.06 -1.25
C GLY A 31 7.57 -5.83 -0.57
N ALA A 32 8.82 -5.53 -0.88
CA ALA A 32 9.55 -4.46 -0.23
C ALA A 32 9.17 -3.07 -0.77
N PHE A 33 9.48 -2.02 0.01
CA PHE A 33 9.17 -0.64 -0.32
C PHE A 33 7.68 -0.45 -0.60
N SER A 34 6.80 -0.48 0.40
CA SER A 34 5.38 -0.37 0.09
C SER A 34 4.53 0.22 1.22
N ILE A 35 3.27 0.60 0.91
CA ILE A 35 2.26 0.99 1.89
C ILE A 35 1.04 0.05 1.78
N ASN A 36 0.64 -0.61 2.87
CA ASN A 36 -0.30 -1.72 2.77
C ASN A 36 -1.12 -1.94 4.02
N PRO A 37 -2.18 -1.17 4.30
CA PRO A 37 -3.05 -1.50 5.42
C PRO A 37 -3.81 -2.79 5.12
N ALA A 38 -3.88 -3.74 6.08
CA ALA A 38 -4.30 -5.13 5.83
C ALA A 38 -5.23 -5.69 6.89
N MET A 39 -6.19 -6.56 6.51
CA MET A 39 -7.14 -7.12 7.44
C MET A 39 -7.55 -8.55 7.08
N MET A 40 -7.61 -9.45 8.07
CA MET A 40 -8.02 -10.84 7.83
C MET A 40 -9.07 -11.25 8.86
N ALA A 41 -10.28 -11.67 8.45
CA ALA A 41 -11.35 -11.87 9.43
C ALA A 41 -12.20 -13.11 9.17
N ALA A 42 -12.62 -13.77 10.25
CA ALA A 42 -13.68 -14.77 10.18
C ALA A 42 -14.81 -14.37 11.13
N ALA A 43 -15.93 -13.88 10.57
CA ALA A 43 -16.92 -13.14 11.35
C ALA A 43 -18.31 -13.15 10.72
N GLN A 44 -19.32 -12.73 11.47
CA GLN A 44 -20.63 -12.49 10.88
C GLN A 44 -20.65 -11.22 10.01
N ALA A 45 -19.89 -10.16 10.37
CA ALA A 45 -19.87 -8.91 9.61
C ALA A 45 -18.52 -8.20 9.70
N ALA A 46 -18.03 -7.61 8.59
CA ALA A 46 -16.69 -7.04 8.59
C ALA A 46 -16.55 -5.83 7.66
N LEU A 47 -15.87 -4.74 8.10
CA LEU A 47 -15.74 -3.51 7.31
C LEU A 47 -14.33 -2.90 7.37
N GLN A 48 -13.73 -2.58 6.22
CA GLN A 48 -12.45 -1.86 6.20
C GLN A 48 -12.59 -0.51 5.48
N SER A 49 -11.97 0.59 6.00
CA SER A 49 -11.93 1.93 5.38
C SER A 49 -10.56 2.61 5.49
N SER A 50 -10.01 3.22 4.44
CA SER A 50 -8.68 3.82 4.46
C SER A 50 -8.56 5.05 3.53
N TRP A 51 -7.85 6.12 3.91
CA TRP A 51 -7.66 7.25 3.02
C TRP A 51 -6.38 8.03 3.29
N GLY A 52 -5.87 8.72 2.26
CA GLY A 52 -4.74 9.61 2.40
C GLY A 52 -3.41 8.88 2.52
N MET A 53 -2.82 8.47 1.39
CA MET A 53 -1.60 7.69 1.34
C MET A 53 -0.68 8.27 0.25
N MET A 54 0.47 8.82 0.64
CA MET A 54 1.37 9.46 -0.33
C MET A 54 2.79 8.87 -0.23
N GLY A 55 3.45 8.67 -1.37
CA GLY A 55 4.83 8.18 -1.41
C GLY A 55 5.59 8.61 -2.66
N MET A 56 6.92 8.57 -2.63
CA MET A 56 7.72 8.73 -3.82
C MET A 56 7.83 7.41 -4.60
N LEU A 57 8.39 6.35 -4.00
CA LEU A 57 8.45 5.03 -4.60
C LEU A 57 9.25 5.04 -5.90
N ALA A 58 10.55 5.33 -5.81
CA ALA A 58 11.39 5.53 -6.97
C ALA A 58 12.74 4.83 -6.86
N SER A 59 13.44 4.69 -7.99
CA SER A 59 14.73 4.00 -8.03
C SER A 59 15.70 4.68 -9.01
N GLN A 60 16.97 4.88 -8.65
CA GLN A 60 17.96 5.41 -9.59
C GLN A 60 19.21 4.53 -9.58
N GLN A 61 19.77 4.20 -10.76
CA GLN A 61 20.95 3.33 -10.87
C GLN A 61 22.00 4.00 -11.74
N ASN A 62 23.20 4.18 -11.19
CA ASN A 62 24.16 5.09 -11.79
C ASN A 62 25.39 4.34 -12.31
N LEU B 1 -17.57 29.15 9.82
CA LEU B 1 -16.33 29.25 8.98
C LEU B 1 -15.34 28.13 9.34
N ASP B 2 -15.03 27.29 8.36
CA ASP B 2 -14.30 26.04 8.57
C ASP B 2 -13.39 25.78 7.36
N ASN B 3 -12.08 25.71 7.61
CA ASN B 3 -11.09 25.74 6.55
C ASN B 3 -10.08 24.59 6.67
N VAL B 4 -9.75 23.95 5.53
CA VAL B 4 -8.62 23.03 5.43
C VAL B 4 -7.84 23.34 4.16
N ALA B 5 -6.56 23.71 4.26
CA ALA B 5 -5.83 24.20 3.10
C ALA B 5 -4.33 23.86 3.11
N THR B 6 -3.69 23.95 1.92
CA THR B 6 -2.26 23.71 1.72
C THR B 6 -1.69 24.78 0.80
N TYR B 7 -0.56 25.40 1.16
CA TYR B 7 0.06 26.42 0.31
C TYR B 7 1.54 26.10 0.08
N ALA B 8 1.95 25.78 -1.16
CA ALA B 8 3.32 25.40 -1.47
C ALA B 8 3.86 26.26 -2.61
N GLY B 9 5.09 26.78 -2.52
CA GLY B 9 5.36 28.02 -3.23
C GLY B 9 6.76 28.18 -3.79
N GLN B 10 6.83 28.50 -5.08
CA GLN B 10 8.06 28.61 -5.84
C GLN B 10 8.90 27.35 -5.77
N PHE B 11 9.01 26.67 -6.90
CA PHE B 11 10.03 25.67 -7.11
C PHE B 11 11.05 26.21 -8.12
N ASN B 12 12.32 26.36 -7.71
CA ASN B 12 13.40 26.80 -8.58
C ASN B 12 14.36 25.65 -8.90
N GLN B 13 14.34 25.16 -10.15
CA GLN B 13 14.96 23.90 -10.49
C GLN B 13 15.50 23.91 -11.93
N ASP B 14 16.42 24.83 -12.25
CA ASP B 14 17.09 24.79 -13.56
C ASP B 14 18.20 23.74 -13.65
N TYR B 15 18.43 23.30 -14.90
CA TYR B 15 19.36 22.25 -15.28
C TYR B 15 19.17 20.93 -14.50
N LEU B 16 17.97 20.39 -14.41
CA LEU B 16 17.73 19.15 -13.69
C LEU B 16 18.11 17.94 -14.53
N SER B 17 18.98 17.08 -14.00
CA SER B 17 19.30 15.85 -14.71
C SER B 17 19.07 14.58 -13.89
N GLY B 18 18.61 14.69 -12.63
CA GLY B 18 18.21 13.53 -11.84
C GLY B 18 16.69 13.34 -11.79
N MET B 19 16.11 13.19 -10.59
CA MET B 19 14.70 12.93 -10.40
C MET B 19 14.11 13.81 -9.27
N ALA B 20 12.97 14.47 -9.50
CA ALA B 20 12.32 15.31 -8.48
C ALA B 20 10.82 15.00 -8.40
N ALA B 21 10.26 15.02 -7.19
CA ALA B 21 8.83 14.87 -6.98
C ALA B 21 8.30 16.05 -6.16
N ASN B 22 7.45 16.90 -6.77
CA ASN B 22 6.83 18.04 -6.09
C ASN B 22 5.36 17.72 -5.79
N MET B 23 5.01 17.15 -4.63
CA MET B 23 3.66 16.61 -4.41
C MET B 23 2.88 17.35 -3.31
N SER B 24 1.69 17.88 -3.62
CA SER B 24 0.86 18.61 -2.66
C SER B 24 -0.54 18.01 -2.60
N GLY B 25 -1.03 17.67 -1.41
CA GLY B 25 -2.33 17.02 -1.23
C GLY B 25 -3.11 17.54 -0.03
N THR B 26 -4.45 17.59 -0.15
CA THR B 26 -5.36 18.11 0.84
C THR B 26 -6.55 17.17 0.98
N PHE B 27 -6.97 16.84 2.20
CA PHE B 27 -7.98 15.80 2.40
C PHE B 27 -8.99 16.25 3.44
N GLY B 28 -10.23 16.49 3.04
CA GLY B 28 -11.23 16.97 3.98
C GLY B 28 -11.49 15.90 5.01
N GLY B 29 -12.13 16.27 6.13
CA GLY B 29 -12.37 15.24 7.11
C GLY B 29 -13.53 15.51 8.05
N ALA B 30 -14.63 14.83 7.82
CA ALA B 30 -15.53 14.49 8.91
C ALA B 30 -16.28 13.20 8.53
N ASN B 31 -15.48 12.20 8.16
CA ASN B 31 -15.92 10.94 7.62
C ASN B 31 -16.49 10.08 8.74
N MET B 32 -17.45 9.19 8.45
CA MET B 32 -18.09 8.36 9.47
C MET B 32 -18.43 6.95 8.97
N PRO B 33 -17.49 5.99 8.95
CA PRO B 33 -17.85 4.58 8.75
C PRO B 33 -18.67 3.98 9.89
N ASN B 34 -19.83 3.38 9.60
CA ASN B 34 -20.68 2.74 10.60
C ASN B 34 -20.95 1.28 10.28
N LEU B 35 -20.89 0.44 11.31
CA LEU B 35 -21.27 -0.96 11.23
C LEU B 35 -22.28 -1.26 12.32
N TYR B 36 -23.54 -1.53 11.97
CA TYR B 36 -24.57 -1.86 12.93
C TYR B 36 -24.57 -3.37 13.24
N GLY C 1 3.19 -37.46 11.55
CA GLY C 1 4.49 -37.19 10.96
C GLY C 1 4.44 -36.01 10.00
N ASN C 2 3.55 -35.05 10.29
CA ASN C 2 3.48 -33.84 9.50
C ASN C 2 4.58 -32.88 9.93
N GLN C 3 5.00 -31.99 9.01
CA GLN C 3 5.94 -30.93 9.32
C GLN C 3 5.69 -29.70 8.43
N GLY C 4 6.51 -28.65 8.63
CA GLY C 4 6.33 -27.35 7.98
C GLY C 4 7.20 -27.22 6.73
N GLY C 5 7.75 -26.01 6.50
CA GLY C 5 8.59 -25.74 5.33
C GLY C 5 10.09 -25.67 5.65
N PHE C 6 10.87 -25.28 4.64
CA PHE C 6 12.32 -25.23 4.68
C PHE C 6 12.83 -24.02 3.91
N GLY C 7 13.60 -23.08 4.52
CA GLY C 7 14.25 -22.09 3.68
C GLY C 7 15.05 -20.99 4.37
N ASN C 8 15.44 -19.98 3.56
CA ASN C 8 16.24 -18.84 3.98
C ASN C 8 15.55 -17.53 3.65
N SER C 9 15.69 -16.49 4.51
CA SER C 9 15.24 -15.14 4.18
C SER C 9 16.20 -14.04 4.67
N ARG C 10 16.20 -12.91 3.95
CA ARG C 10 16.96 -11.73 4.31
C ARG C 10 16.11 -10.47 4.18
N GLY C 11 15.81 -9.82 5.32
CA GLY C 11 15.08 -8.57 5.32
C GLY C 11 13.61 -8.76 5.69
N GLY C 12 12.94 -9.69 4.99
CA GLY C 12 11.50 -9.83 5.06
C GLY C 12 11.08 -10.90 6.06
N GLY C 13 9.77 -10.89 6.38
CA GLY C 13 9.17 -11.81 7.32
C GLY C 13 8.85 -13.14 6.65
N ALA C 14 9.04 -14.25 7.37
CA ALA C 14 8.92 -15.58 6.78
C ALA C 14 8.09 -16.53 7.63
N GLY C 15 7.07 -17.13 7.03
CA GLY C 15 6.22 -18.11 7.71
C GLY C 15 6.39 -19.53 7.18
N LEU C 16 6.82 -20.46 8.06
CA LEU C 16 7.15 -21.83 7.69
C LEU C 16 6.46 -22.83 8.63
N GLY C 17 5.29 -22.49 9.15
CA GLY C 17 4.64 -23.34 10.15
C GLY C 17 4.02 -24.62 9.59
N ASN C 18 3.75 -25.58 10.48
CA ASN C 18 2.80 -26.65 10.26
C ASN C 18 1.43 -26.15 10.73
N ASN C 19 0.51 -25.85 9.78
CA ASN C 19 -0.76 -25.22 10.09
C ASN C 19 -1.96 -26.13 9.81
N GLN C 20 -1.69 -27.42 9.58
CA GLN C 20 -2.73 -28.35 9.14
C GLN C 20 -3.92 -28.40 10.10
N GLY C 21 -5.14 -28.26 9.56
CA GLY C 21 -6.38 -28.32 10.32
C GLY C 21 -6.71 -27.12 11.22
N SER C 22 -5.98 -26.00 11.11
CA SER C 22 -6.15 -24.84 11.98
C SER C 22 -7.19 -23.82 11.48
N ASN C 23 -7.61 -22.91 12.37
CA ASN C 23 -8.38 -21.72 12.02
C ASN C 23 -7.47 -20.48 12.03
N MET C 24 -6.93 -20.14 10.87
CA MET C 24 -6.02 -19.00 10.68
C MET C 24 -4.65 -19.20 11.36
N GLY C 25 -4.16 -20.44 11.52
CA GLY C 25 -2.83 -20.67 12.10
C GLY C 25 -1.69 -20.21 11.18
N GLY C 26 -0.54 -19.77 11.75
CA GLY C 26 0.59 -19.32 10.98
C GLY C 26 1.39 -18.13 11.55
N GLY C 27 0.79 -17.25 12.36
CA GLY C 27 1.49 -16.10 12.95
C GLY C 27 1.40 -14.81 12.13
N MET C 28 1.75 -13.66 12.74
CA MET C 28 1.92 -12.38 12.04
C MET C 28 3.41 -12.05 12.02
N ASN C 29 4.06 -12.01 10.85
CA ASN C 29 5.52 -11.94 10.73
C ASN C 29 6.00 -10.70 9.94
N PHE C 30 6.79 -9.81 10.55
CA PHE C 30 7.10 -8.49 9.98
C PHE C 30 8.58 -8.28 9.65
N GLY C 31 8.89 -7.44 8.64
CA GLY C 31 10.25 -7.22 8.16
C GLY C 31 10.95 -6.01 8.81
N ALA C 32 12.23 -5.80 8.50
CA ALA C 32 13.01 -4.76 9.13
C ALA C 32 12.71 -3.37 8.56
N PHE C 33 13.09 -2.32 9.31
CA PHE C 33 12.86 -0.93 8.95
C PHE C 33 11.38 -0.65 8.65
N SER C 34 10.50 -0.62 9.66
CA SER C 34 9.09 -0.43 9.34
C SER C 34 8.27 0.24 10.45
N ILE C 35 7.04 0.68 10.13
CA ILE C 35 6.05 1.16 11.10
C ILE C 35 4.79 0.29 11.01
N ASN C 36 4.34 -0.32 12.11
CA ASN C 36 3.34 -1.38 12.03
C ASN C 36 2.50 -1.53 13.29
N PRO C 37 1.49 -0.69 13.55
CA PRO C 37 0.60 -0.93 14.67
C PRO C 37 -0.23 -2.18 14.41
N ALA C 38 -0.36 -3.10 15.38
CA ALA C 38 -0.86 -4.47 15.16
C ALA C 38 -1.83 -4.96 16.24
N MET C 39 -2.82 -5.77 15.87
CA MET C 39 -3.82 -6.24 16.82
C MET C 39 -4.31 -7.66 16.49
N MET C 40 -4.43 -8.53 17.50
CA MET C 40 -4.92 -9.89 17.30
C MET C 40 -6.00 -10.23 18.33
N ALA C 41 -7.22 -10.58 17.93
CA ALA C 41 -8.30 -10.69 18.91
C ALA C 41 -9.23 -11.88 18.68
N ALA C 42 -9.69 -12.50 19.77
CA ALA C 42 -10.80 -13.42 19.72
C ALA C 42 -11.90 -12.93 20.66
N ALA C 43 -13.00 -12.40 20.09
CA ALA C 43 -13.94 -11.58 20.85
C ALA C 43 -15.32 -11.52 20.22
N GLN C 44 -16.32 -11.03 20.95
CA GLN C 44 -17.60 -10.73 20.34
C GLN C 44 -17.55 -9.47 19.45
N ALA C 45 -16.74 -8.45 19.79
CA ALA C 45 -16.64 -7.23 19.00
C ALA C 45 -15.24 -6.60 19.07
N ALA C 46 -14.72 -6.07 17.96
CA ALA C 46 -13.35 -5.57 17.95
C ALA C 46 -13.14 -4.39 16.98
N LEU C 47 -12.40 -3.34 17.39
CA LEU C 47 -12.20 -2.14 16.58
C LEU C 47 -10.75 -1.62 16.63
N GLN C 48 -10.12 -1.36 15.47
CA GLN C 48 -8.81 -0.72 15.44
C GLN C 48 -8.86 0.63 14.69
N SER C 49 -8.18 1.70 15.19
CA SER C 49 -8.06 3.02 14.53
C SER C 49 -6.66 3.61 14.63
N SER C 50 -6.07 4.17 13.56
CA SER C 50 -4.69 4.69 13.57
C SER C 50 -4.51 5.89 12.61
N TRP C 51 -3.73 6.92 12.98
CA TRP C 51 -3.48 8.02 12.05
C TRP C 51 -2.15 8.74 12.31
N GLY C 52 -1.60 9.36 11.27
CA GLY C 52 -0.42 10.19 11.39
C GLY C 52 0.87 9.38 11.53
N MET C 53 1.43 8.91 10.41
CA MET C 53 2.60 8.05 10.37
C MET C 53 3.56 8.55 9.29
N MET C 54 4.73 9.04 9.64
CA MET C 54 5.67 9.60 8.68
C MET C 54 7.05 8.95 8.80
N GLY C 55 7.72 8.67 7.66
CA GLY C 55 9.05 8.11 7.64
C GLY C 55 9.83 8.45 6.37
N MET C 56 11.16 8.34 6.41
CA MET C 56 11.96 8.43 5.21
C MET C 56 11.99 7.08 4.46
N LEU C 57 12.50 6.01 5.09
CA LEU C 57 12.47 4.67 4.53
C LEU C 57 13.28 4.61 3.23
N ALA C 58 14.59 4.81 3.32
CA ALA C 58 15.44 4.94 2.15
C ALA C 58 16.75 4.16 2.29
N SER C 59 17.44 3.94 1.16
CA SER C 59 18.69 3.19 1.14
C SER C 59 19.70 3.79 0.15
N GLN C 60 20.98 3.91 0.50
CA GLN C 60 22.00 4.37 -0.45
C GLN C 60 23.20 3.41 -0.41
N GLN C 61 23.73 3.01 -1.57
CA GLN C 61 24.85 2.09 -1.67
C GLN C 61 25.94 2.66 -2.54
N ASN C 62 27.16 2.80 -2.00
CA ASN C 62 28.17 3.63 -2.62
C ASN C 62 29.36 2.79 -3.12
N LEU D 1 -12.08 30.63 18.31
CA LEU D 1 -10.84 30.63 17.47
C LEU D 1 -9.93 29.47 17.86
N ASP D 2 -9.66 28.59 16.89
CA ASP D 2 -9.00 27.30 17.13
C ASP D 2 -8.11 26.96 15.94
N ASN D 3 -6.80 26.82 16.19
CA ASN D 3 -5.81 26.76 15.13
C ASN D 3 -4.88 25.55 15.29
N VAL D 4 -4.58 24.88 14.16
CA VAL D 4 -3.51 23.88 14.08
C VAL D 4 -2.71 24.11 12.80
N ALA D 5 -1.41 24.41 12.91
CA ALA D 5 -0.64 24.83 11.74
C ALA D 5 0.82 24.40 11.76
N THR D 6 1.47 24.42 10.56
CA THR D 6 2.89 24.09 10.38
C THR D 6 3.52 25.11 9.43
N TYR D 7 4.68 25.67 9.78
CA TYR D 7 5.35 26.63 8.91
C TYR D 7 6.83 26.23 8.69
N ALA D 8 7.21 25.85 7.46
CA ALA D 8 8.56 25.37 7.16
C ALA D 8 9.15 26.18 6.01
N GLY D 9 10.41 26.62 6.09
CA GLY D 9 10.74 27.83 5.34
C GLY D 9 12.16 27.90 4.79
N GLN D 10 12.26 28.17 3.49
CA GLN D 10 13.48 28.20 2.73
C GLN D 10 14.25 26.90 2.83
N PHE D 11 14.32 26.17 1.71
CA PHE D 11 15.28 25.10 1.53
C PHE D 11 16.33 25.56 0.51
N ASN D 12 17.61 25.65 0.92
CA ASN D 12 18.71 26.01 0.04
C ASN D 12 19.60 24.79 -0.25
N GLN D 13 19.56 24.28 -1.48
CA GLN D 13 20.10 22.97 -1.79
C GLN D 13 20.64 22.92 -3.23
N ASP D 14 21.61 23.76 -3.57
CA ASP D 14 22.28 23.66 -4.87
C ASP D 14 23.33 22.54 -4.94
N TYR D 15 23.54 22.07 -6.18
CA TYR D 15 24.40 20.95 -6.53
C TYR D 15 24.14 19.68 -5.71
N LEU D 16 22.90 19.20 -5.62
CA LEU D 16 22.59 18.00 -4.87
C LEU D 16 22.90 16.74 -5.69
N SER D 17 23.71 15.84 -5.13
CA SER D 17 23.95 14.58 -5.80
C SER D 17 23.66 13.35 -4.94
N GLY D 18 23.20 13.51 -3.70
CA GLY D 18 22.73 12.40 -2.88
C GLY D 18 21.20 12.31 -2.83
N MET D 19 20.61 12.22 -1.63
CA MET D 19 19.18 12.05 -1.43
C MET D 19 18.66 12.98 -0.33
N ALA D 20 17.55 13.71 -0.58
CA ALA D 20 16.95 14.60 0.41
C ALA D 20 15.44 14.39 0.50
N ALA D 21 14.89 14.46 1.70
CA ALA D 21 13.45 14.41 1.92
C ALA D 21 12.98 15.64 2.71
N ASN D 22 12.18 16.52 2.07
CA ASN D 22 11.63 17.71 2.72
C ASN D 22 10.15 17.50 3.03
N MET D 23 9.76 16.97 4.20
CA MET D 23 8.39 16.52 4.43
C MET D 23 7.64 17.32 5.51
N SER D 24 6.49 17.91 5.18
CA SER D 24 5.70 18.71 6.12
C SER D 24 4.28 18.20 6.20
N GLY D 25 3.76 17.91 7.40
CA GLY D 25 2.43 17.35 7.58
C GLY D 25 1.67 17.96 8.78
N THR D 26 0.33 18.07 8.64
CA THR D 26 -0.54 18.68 9.63
C THR D 26 -1.78 17.81 9.78
N PHE D 27 -2.22 17.53 11.01
CA PHE D 27 -3.30 16.56 11.23
C PHE D 27 -4.27 17.09 12.25
N GLY D 28 -5.49 17.40 11.85
CA GLY D 28 -6.46 17.95 12.78
C GLY D 28 -6.80 16.93 13.83
N GLY D 29 -7.42 17.35 14.93
CA GLY D 29 -7.71 16.37 15.94
C GLY D 29 -8.86 16.73 16.87
N ALA D 30 -10.00 16.10 16.66
CA ALA D 30 -10.92 15.85 17.75
C ALA D 30 -11.73 14.60 17.39
N ASN D 31 -11.00 13.55 17.06
CA ASN D 31 -11.52 12.30 16.55
C ASN D 31 -12.13 11.50 17.69
N MET D 32 -13.14 10.66 17.41
CA MET D 32 -13.84 9.90 18.45
C MET D 32 -14.26 8.49 17.98
N PRO D 33 -13.37 7.48 17.99
CA PRO D 33 -13.82 6.10 17.82
C PRO D 33 -14.68 5.58 18.98
N ASN D 34 -15.87 5.03 18.70
CA ASN D 34 -16.75 4.47 19.71
C ASN D 34 -17.11 3.03 19.41
N LEU D 35 -17.11 2.21 20.47
CA LEU D 35 -17.56 0.83 20.42
C LEU D 35 -18.58 0.61 21.52
N TYR D 36 -19.86 0.42 21.16
CA TYR D 36 -20.92 0.16 22.14
C TYR D 36 -21.01 -1.34 22.48
N GLY E 1 2.44 -37.61 6.49
CA GLY E 1 3.74 -37.30 5.90
C GLY E 1 3.63 -36.11 4.94
N ASN E 2 2.73 -35.17 5.26
CA ASN E 2 2.61 -33.96 4.48
C ASN E 2 3.68 -32.96 4.92
N GLN E 3 4.08 -32.06 4.01
CA GLN E 3 5.00 -30.98 4.33
C GLN E 3 4.71 -29.74 3.47
N GLY E 4 5.50 -28.67 3.67
CA GLY E 4 5.27 -27.37 3.04
C GLY E 4 6.13 -27.19 1.79
N GLY E 5 6.65 -25.97 1.57
CA GLY E 5 7.49 -25.67 0.41
C GLY E 5 8.99 -25.55 0.72
N PHE E 6 9.75 -25.12 -0.29
CA PHE E 6 11.20 -25.04 -0.25
C PHE E 6 11.67 -23.79 -1.00
N GLY E 7 12.40 -22.85 -0.37
CA GLY E 7 13.03 -21.83 -1.21
C GLY E 7 13.80 -20.71 -0.51
N ASN E 8 14.16 -19.69 -1.30
CA ASN E 8 14.93 -18.52 -0.86
C ASN E 8 14.19 -17.23 -1.19
N SER E 9 14.31 -16.20 -0.32
CA SER E 9 13.82 -14.86 -0.62
C SER E 9 14.75 -13.74 -0.13
N ARG E 10 14.70 -12.60 -0.83
CA ARG E 10 15.43 -11.40 -0.46
C ARG E 10 14.54 -10.17 -0.57
N GLY E 11 14.23 -9.55 0.58
CA GLY E 11 13.46 -8.31 0.59
C GLY E 11 11.99 -8.55 0.96
N GLY E 12 11.36 -9.49 0.24
CA GLY E 12 9.93 -9.67 0.32
C GLY E 12 9.54 -10.76 1.31
N GLY E 13 8.22 -10.80 1.63
CA GLY E 13 7.66 -11.74 2.55
C GLY E 13 7.37 -13.08 1.87
N ALA E 14 7.59 -14.19 2.58
CA ALA E 14 7.52 -15.52 1.97
C ALA E 14 6.71 -16.49 2.82
N GLY E 15 5.71 -17.13 2.21
CA GLY E 15 4.89 -18.14 2.88
C GLY E 15 5.10 -19.55 2.33
N LEU E 16 5.56 -20.48 3.20
CA LEU E 16 5.93 -21.83 2.81
C LEU E 16 5.27 -22.87 3.74
N GLY E 17 4.10 -22.56 4.27
CA GLY E 17 3.48 -23.44 5.25
C GLY E 17 2.89 -24.73 4.67
N ASN E 18 2.64 -25.71 5.56
CA ASN E 18 1.72 -26.80 5.33
C ASN E 18 0.35 -26.35 5.80
N ASN E 19 -0.58 -26.07 4.85
CA ASN E 19 -1.87 -25.48 5.17
C ASN E 19 -3.04 -26.42 4.89
N GLN E 20 -2.74 -27.70 4.64
CA GLN E 20 -3.75 -28.65 4.19
C GLN E 20 -4.94 -28.75 5.14
N GLY E 21 -6.16 -28.64 4.61
CA GLY E 21 -7.40 -28.74 5.37
C GLY E 21 -7.76 -27.56 6.29
N SER E 22 -7.07 -26.42 6.19
CA SER E 22 -7.27 -25.28 7.08
C SER E 22 -8.34 -24.30 6.58
N ASN E 23 -8.79 -23.40 7.49
CA ASN E 23 -9.59 -22.24 7.15
C ASN E 23 -8.72 -20.97 7.17
N MET E 24 -8.18 -20.59 6.02
CA MET E 24 -7.31 -19.43 5.84
C MET E 24 -5.94 -19.59 6.53
N GLY E 25 -5.41 -20.82 6.66
CA GLY E 25 -4.08 -21.01 7.24
C GLY E 25 -2.95 -20.51 6.33
N GLY E 26 -1.82 -20.06 6.91
CA GLY E 26 -0.70 -19.56 6.13
C GLY E 26 0.07 -18.35 6.71
N GLY E 27 -0.57 -17.50 7.55
CA GLY E 27 0.11 -16.33 8.14
C GLY E 27 -0.02 -15.03 7.33
N MET E 28 0.30 -13.88 7.96
CA MET E 28 0.43 -12.60 7.28
C MET E 28 1.91 -12.21 7.26
N ASN E 29 2.55 -12.14 6.09
CA ASN E 29 4.01 -12.02 5.97
C ASN E 29 4.45 -10.77 5.20
N PHE E 30 5.23 -9.86 5.81
CA PHE E 30 5.49 -8.53 5.26
C PHE E 30 6.97 -8.26 4.93
N GLY E 31 7.24 -7.41 3.94
CA GLY E 31 8.60 -7.15 3.45
C GLY E 31 9.26 -5.92 4.12
N ALA E 32 10.52 -5.67 3.81
CA ALA E 32 11.29 -4.61 4.45
C ALA E 32 10.94 -3.22 3.89
N PHE E 33 11.29 -2.18 4.66
CA PHE E 33 11.02 -0.79 4.32
C PHE E 33 9.54 -0.55 4.02
N SER E 34 8.65 -0.56 5.03
CA SER E 34 7.23 -0.40 4.71
C SER E 34 6.40 0.22 5.84
N ILE E 35 5.16 0.64 5.52
CA ILE E 35 4.16 1.08 6.49
C ILE E 35 2.92 0.17 6.39
N ASN E 36 2.49 -0.46 7.49
CA ASN E 36 1.52 -1.55 7.40
C ASN E 36 0.69 -1.74 8.66
N PRO E 37 -0.35 -0.93 8.92
CA PRO E 37 -1.23 -1.21 10.04
C PRO E 37 -2.02 -2.49 9.77
N ALA E 38 -2.13 -3.42 10.73
CA ALA E 38 -2.58 -4.81 10.50
C ALA E 38 -3.54 -5.32 11.57
N MET E 39 -4.51 -6.17 11.19
CA MET E 39 -5.49 -6.69 12.13
C MET E 39 -5.93 -8.10 11.78
N MET E 40 -6.02 -9.00 12.78
CA MET E 40 -6.48 -10.37 12.57
C MET E 40 -7.54 -10.74 13.60
N ALA E 41 -8.76 -11.14 13.19
CA ALA E 41 -9.84 -11.29 14.17
C ALA E 41 -10.72 -12.51 13.93
N ALA E 42 -11.16 -13.14 15.01
CA ALA E 42 -12.24 -14.10 14.95
C ALA E 42 -13.35 -13.65 15.89
N ALA E 43 -14.47 -13.15 15.34
CA ALA E 43 -15.44 -12.37 16.10
C ALA E 43 -16.82 -12.35 15.47
N GLN E 44 -17.83 -11.89 16.21
CA GLN E 44 -19.13 -11.61 15.62
C GLN E 44 -19.11 -10.36 14.74
N ALA E 45 -18.33 -9.31 15.09
CA ALA E 45 -18.26 -8.08 14.31
C ALA E 45 -16.89 -7.40 14.39
N ALA E 46 -16.38 -6.85 13.28
CA ALA E 46 -15.03 -6.31 13.27
C ALA E 46 -14.85 -5.12 12.32
N LEU E 47 -14.15 -4.04 12.75
CA LEU E 47 -13.97 -2.83 11.95
C LEU E 47 -12.55 -2.27 12.01
N GLN E 48 -11.93 -1.98 10.85
CA GLN E 48 -10.64 -1.29 10.83
C GLN E 48 -10.73 0.06 10.09
N SER E 49 -10.07 1.15 10.60
CA SER E 49 -10.00 2.47 9.95
C SER E 49 -8.61 3.11 10.06
N SER E 50 -8.04 3.70 9.01
CA SER E 50 -6.69 4.26 9.01
C SER E 50 -6.54 5.47 8.07
N TRP E 51 -5.79 6.52 8.45
CA TRP E 51 -5.57 7.64 7.54
C TRP E 51 -4.28 8.39 7.80
N GLY E 52 -3.74 9.04 6.77
CA GLY E 52 -2.58 9.90 6.90
C GLY E 52 -1.27 9.13 7.03
N MET E 53 -0.70 8.70 5.90
CA MET E 53 0.50 7.88 5.86
C MET E 53 1.43 8.41 4.77
N MET E 54 2.61 8.94 5.14
CA MET E 54 3.52 9.53 4.17
C MET E 54 4.92 8.92 4.28
N GLY E 55 5.59 8.67 3.14
CA GLY E 55 6.94 8.14 3.12
C GLY E 55 7.71 8.54 1.85
N MET E 56 9.04 8.46 1.89
CA MET E 56 9.85 8.58 0.70
C MET E 56 9.92 7.24 -0.07
N LEU E 57 10.44 6.19 0.54
CA LEU E 57 10.46 4.85 -0.04
C LEU E 57 11.27 4.83 -1.34
N ALA E 58 12.58 5.08 -1.24
CA ALA E 58 13.42 5.24 -2.41
C ALA E 58 14.76 4.50 -2.29
N SER E 59 15.45 4.32 -3.42
CA SER E 59 16.72 3.60 -3.44
C SER E 59 17.72 4.23 -4.44
N GLN E 60 18.98 4.40 -4.08
CA GLN E 60 19.99 4.89 -5.02
C GLN E 60 21.22 3.98 -5.00
N GLN E 61 21.75 3.61 -6.17
CA GLN E 61 22.91 2.72 -6.27
C GLN E 61 23.99 3.33 -7.15
N ASN E 62 25.19 3.49 -6.60
CA ASN E 62 26.18 4.37 -7.22
C ASN E 62 27.38 3.56 -7.72
N LEU F 1 -14.83 29.90 14.07
CA LEU F 1 -13.60 29.95 13.23
C LEU F 1 -12.64 28.81 13.60
N ASP F 2 -12.35 27.94 12.63
CA ASP F 2 -11.66 26.68 12.85
C ASP F 2 -10.76 26.38 11.66
N ASN F 3 -9.44 26.28 11.90
CA ASN F 3 -8.45 26.26 10.84
C ASN F 3 -7.48 25.09 10.98
N VAL F 4 -7.17 24.43 9.85
CA VAL F 4 -6.08 23.47 9.76
C VAL F 4 -5.27 23.74 8.49
N ALA F 5 -3.99 24.07 8.59
CA ALA F 5 -3.24 24.52 7.43
C ALA F 5 -1.75 24.14 7.43
N THR F 6 -1.11 24.19 6.24
CA THR F 6 0.32 23.91 6.05
C THR F 6 0.91 24.96 5.12
N TYR F 7 2.06 25.55 5.47
CA TYR F 7 2.70 26.53 4.61
C TYR F 7 4.19 26.18 4.39
N ALA F 8 4.58 25.83 3.15
CA ALA F 8 5.94 25.40 2.85
C ALA F 8 6.51 26.23 1.70
N GLY F 9 7.76 26.71 1.78
CA GLY F 9 8.05 27.94 1.05
C GLY F 9 9.47 28.06 0.50
N GLN F 10 9.55 28.36 -0.80
CA GLN F 10 10.77 28.43 -1.56
C GLN F 10 11.57 27.14 -1.47
N PHE F 11 11.67 26.44 -2.60
CA PHE F 11 12.66 25.40 -2.79
C PHE F 11 13.70 25.90 -3.81
N ASN F 12 14.98 26.02 -3.40
CA ASN F 12 16.06 26.41 -4.27
C ASN F 12 16.99 25.23 -4.58
N GLN F 13 16.96 24.73 -5.82
CA GLN F 13 17.54 23.44 -6.15
C GLN F 13 18.08 23.43 -7.58
N ASP F 14 19.03 24.31 -7.92
CA ASP F 14 19.69 24.25 -9.22
C ASP F 14 20.77 23.16 -9.30
N TYR F 15 21.00 22.70 -10.54
CA TYR F 15 21.89 21.60 -10.91
C TYR F 15 21.66 20.32 -10.11
N LEU F 16 20.44 19.81 -10.02
CA LEU F 16 20.17 18.59 -9.28
C LEU F 16 20.52 17.36 -10.12
N SER F 17 21.35 16.46 -9.57
CA SER F 17 21.64 15.22 -10.26
C SER F 17 21.37 13.96 -9.42
N GLY F 18 20.92 14.11 -8.17
CA GLY F 18 20.48 12.97 -7.36
C GLY F 18 18.96 12.84 -7.31
N MET F 19 18.37 12.71 -6.11
CA MET F 19 16.95 12.49 -5.92
C MET F 19 16.40 13.40 -4.81
N ALA F 20 15.27 14.10 -5.04
CA ALA F 20 14.64 14.96 -4.04
C ALA F 20 13.14 14.70 -3.95
N ALA F 21 12.58 14.74 -2.75
CA ALA F 21 11.15 14.64 -2.53
C ALA F 21 10.64 15.85 -1.73
N ASN F 22 9.82 16.72 -2.35
CA ASN F 22 9.23 17.88 -1.69
C ASN F 22 7.76 17.62 -1.39
N MET F 23 7.40 17.07 -0.22
CA MET F 23 6.03 16.58 0.00
C MET F 23 5.26 17.35 1.10
N SER F 24 4.09 17.90 0.78
CA SER F 24 3.28 18.67 1.73
C SER F 24 1.87 18.11 1.80
N GLY F 25 1.36 17.80 2.99
CA GLY F 25 0.05 17.19 3.18
C GLY F 25 -0.73 17.76 4.38
N THR F 26 -2.05 17.84 4.24
CA THR F 26 -2.95 18.40 5.24
C THR F 26 -4.17 17.50 5.38
N PHE F 27 -4.60 17.20 6.61
CA PHE F 27 -5.64 16.19 6.81
C PHE F 27 -6.63 16.68 7.85
N GLY F 28 -7.86 16.96 7.45
CA GLY F 28 -8.85 17.47 8.38
C GLY F 28 -9.15 16.42 9.42
N GLY F 29 -9.78 16.82 10.53
CA GLY F 29 -10.05 15.81 11.53
C GLY F 29 -11.20 16.13 12.46
N ALA F 30 -12.32 15.47 12.24
CA ALA F 30 -13.23 15.17 13.33
C ALA F 30 -14.02 13.91 12.96
N ASN F 31 -13.25 12.88 12.61
CA ASN F 31 -13.73 11.62 12.09
C ASN F 31 -14.32 10.79 13.22
N MET F 32 -15.30 9.92 12.93
CA MET F 32 -15.97 9.13 13.96
C MET F 32 -16.35 7.73 13.48
N PRO F 33 -15.44 6.74 13.47
CA PRO F 33 -15.85 5.34 13.30
C PRO F 33 -16.68 4.78 14.44
N ASN F 34 -17.86 4.21 14.15
CA ASN F 34 -18.72 3.61 15.16
C ASN F 34 -19.04 2.15 14.85
N LEU F 35 -19.01 1.32 15.89
CA LEU F 35 -19.43 -0.06 15.83
C LEU F 35 -20.44 -0.33 16.92
N TYR F 36 -21.70 -0.56 16.57
CA TYR F 36 -22.76 -0.85 17.54
C TYR F 36 -22.81 -2.36 17.87
N GLY G 1 0.94 -37.81 -3.65
CA GLY G 1 2.21 -37.40 -4.23
C GLY G 1 2.04 -36.19 -5.14
N ASN G 2 1.08 -35.33 -4.82
CA ASN G 2 0.89 -34.11 -5.56
C ASN G 2 1.90 -33.06 -5.10
N GLN G 3 2.24 -32.11 -5.99
CA GLN G 3 3.09 -30.98 -5.65
C GLN G 3 2.73 -29.75 -6.49
N GLY G 4 3.44 -28.63 -6.25
CA GLY G 4 3.14 -27.33 -6.85
C GLY G 4 3.99 -27.08 -8.10
N GLY G 5 4.44 -25.83 -8.29
CA GLY G 5 5.25 -25.44 -9.44
C GLY G 5 6.74 -25.25 -9.13
N PHE G 6 7.48 -24.75 -10.13
CA PHE G 6 8.91 -24.58 -10.09
C PHE G 6 9.32 -23.30 -10.81
N GLY G 7 9.99 -22.31 -10.16
CA GLY G 7 10.55 -21.25 -10.97
C GLY G 7 11.26 -20.09 -10.25
N ASN G 8 11.56 -19.04 -11.02
CA ASN G 8 12.25 -17.84 -10.56
C ASN G 8 11.44 -16.58 -10.84
N SER G 9 11.50 -15.58 -9.95
CA SER G 9 10.93 -14.26 -10.22
C SER G 9 11.79 -13.09 -9.70
N ARG G 10 11.68 -11.95 -10.37
CA ARG G 10 12.34 -10.71 -9.97
C ARG G 10 11.37 -9.54 -10.05
N GLY G 11 11.03 -8.95 -8.90
CA GLY G 11 10.18 -7.77 -8.85
C GLY G 11 8.74 -8.11 -8.48
N GLY G 12 8.16 -9.06 -9.21
CA GLY G 12 6.73 -9.34 -9.15
C GLY G 12 6.40 -10.47 -8.19
N GLY G 13 5.12 -10.59 -7.87
CA GLY G 13 4.60 -11.59 -6.96
C GLY G 13 4.40 -12.92 -7.68
N ALA G 14 4.69 -14.04 -7.00
CA ALA G 14 4.69 -15.35 -7.64
C ALA G 14 3.94 -16.39 -6.81
N GLY G 15 2.97 -17.07 -7.44
CA GLY G 15 2.22 -18.13 -6.79
C GLY G 15 2.51 -19.52 -7.37
N LEU G 16 3.03 -20.44 -6.52
CA LEU G 16 3.48 -21.76 -6.95
C LEU G 16 2.89 -22.86 -6.05
N GLY G 17 1.69 -22.63 -5.50
CA GLY G 17 1.13 -23.57 -4.55
C GLY G 17 0.62 -24.88 -5.15
N ASN G 18 0.43 -25.89 -4.29
CA ASN G 18 -0.42 -27.04 -4.55
C ASN G 18 -1.83 -26.68 -4.05
N ASN G 19 -2.77 -26.42 -5.00
CA ASN G 19 -4.09 -25.92 -4.66
C ASN G 19 -5.20 -26.93 -4.97
N GLN G 20 -4.83 -28.16 -5.25
CA GLN G 20 -5.78 -29.18 -5.73
C GLN G 20 -6.96 -29.37 -4.77
N GLY G 21 -8.18 -29.31 -5.30
CA GLY G 21 -9.42 -29.52 -4.53
C GLY G 21 -9.84 -28.37 -3.59
N SER G 22 -9.22 -27.20 -3.66
CA SER G 22 -9.49 -26.09 -2.75
C SER G 22 -10.62 -25.15 -3.22
N ASN G 23 -11.11 -24.31 -2.29
CA ASN G 23 -11.98 -23.19 -2.60
C ASN G 23 -11.19 -21.87 -2.55
N MET G 24 -10.69 -21.44 -3.70
CA MET G 24 -9.88 -20.23 -3.84
C MET G 24 -8.49 -20.32 -3.17
N GLY G 25 -7.89 -21.51 -3.06
CA GLY G 25 -6.54 -21.64 -2.49
C GLY G 25 -5.46 -21.05 -3.39
N GLY G 26 -4.36 -20.54 -2.80
CA GLY G 26 -3.27 -19.96 -3.56
C GLY G 26 -2.57 -18.73 -2.96
N GLY G 27 -3.25 -17.93 -2.10
CA GLY G 27 -2.65 -16.74 -1.48
C GLY G 27 -2.85 -15.43 -2.26
N MET G 28 -2.60 -14.28 -1.61
CA MET G 28 -2.55 -12.98 -2.25
C MET G 28 -1.09 -12.51 -2.27
N ASN G 29 -0.46 -12.37 -3.45
CA ASN G 29 0.99 -12.17 -3.55
C ASN G 29 1.35 -10.87 -4.29
N PHE G 30 2.07 -9.92 -3.66
CA PHE G 30 2.26 -8.57 -4.18
C PHE G 30 3.71 -8.21 -4.51
N GLY G 31 3.94 -7.32 -5.48
CA GLY G 31 5.28 -6.96 -5.96
C GLY G 31 5.86 -5.73 -5.26
N ALA G 32 7.11 -5.39 -5.57
CA ALA G 32 7.81 -4.30 -4.91
C ALA G 32 7.38 -2.92 -5.42
N PHE G 33 7.67 -1.87 -4.63
CA PHE G 33 7.32 -0.49 -4.94
C PHE G 33 5.82 -0.34 -5.23
N SER G 34 4.94 -0.42 -4.23
CA SER G 34 3.52 -0.35 -4.54
C SER G 34 2.65 0.21 -3.40
N ILE G 35 1.38 0.56 -3.70
CA ILE G 35 0.36 0.90 -2.72
C ILE G 35 -0.82 -0.07 -2.83
N ASN G 36 -1.21 -0.75 -1.75
CA ASN G 36 -2.12 -1.90 -1.87
C ASN G 36 -2.93 -2.15 -0.61
N PRO G 37 -4.01 -1.43 -0.33
CA PRO G 37 -4.86 -1.79 0.78
C PRO G 37 -5.59 -3.09 0.48
N ALA G 38 -5.64 -4.06 1.43
CA ALA G 38 -6.00 -5.45 1.15
C ALA G 38 -6.92 -6.06 2.21
N MET G 39 -7.84 -6.95 1.81
CA MET G 39 -8.80 -7.55 2.75
C MET G 39 -9.15 -8.98 2.36
N MET G 40 -9.20 -9.90 3.35
CA MET G 40 -9.56 -11.29 3.10
C MET G 40 -10.60 -11.76 4.12
N ALA G 41 -11.79 -12.21 3.70
CA ALA G 41 -12.86 -12.44 4.68
C ALA G 41 -13.66 -13.70 4.41
N ALA G 42 -14.07 -14.39 5.48
CA ALA G 42 -15.09 -15.41 5.40
C ALA G 42 -16.23 -15.06 6.35
N ALA G 43 -17.37 -14.60 5.81
CA ALA G 43 -18.39 -13.90 6.59
C ALA G 43 -19.77 -13.94 5.97
N GLN G 44 -20.80 -13.56 6.71
CA GLN G 44 -22.11 -13.35 6.13
C GLN G 44 -22.17 -12.07 5.28
N ALA G 45 -21.44 -10.99 5.65
CA ALA G 45 -21.46 -9.74 4.91
C ALA G 45 -20.13 -8.98 5.00
N ALA G 46 -19.66 -8.37 3.90
CA ALA G 46 -18.33 -7.76 3.91
C ALA G 46 -18.23 -6.53 2.99
N LEU G 47 -17.59 -5.44 3.44
CA LEU G 47 -17.50 -4.19 2.67
C LEU G 47 -16.11 -3.55 2.74
N GLN G 48 -15.51 -3.20 1.59
CA GLN G 48 -14.25 -2.44 1.57
C GLN G 48 -14.43 -1.08 0.87
N SER G 49 -13.84 0.04 1.41
CA SER G 49 -13.85 1.38 0.80
C SER G 49 -12.49 2.10 0.92
N SER G 50 -11.97 2.74 -0.13
CA SER G 50 -10.65 3.38 -0.11
C SER G 50 -10.58 4.62 -1.02
N TRP G 51 -9.89 5.71 -0.61
CA TRP G 51 -9.73 6.86 -1.50
C TRP G 51 -8.48 7.68 -1.22
N GLY G 52 -7.99 8.38 -2.24
CA GLY G 52 -6.88 9.31 -2.09
C GLY G 52 -5.53 8.61 -1.98
N MET G 53 -4.94 8.24 -3.11
CA MET G 53 -3.69 7.48 -3.19
C MET G 53 -2.79 8.11 -4.25
N MET G 54 -1.66 8.69 -3.88
CA MET G 54 -0.78 9.36 -4.83
C MET G 54 0.65 8.82 -4.74
N GLY G 55 1.33 8.65 -5.88
CA GLY G 55 2.71 8.20 -5.93
C GLY G 55 3.45 8.67 -7.18
N MET G 56 4.78 8.67 -7.14
CA MET G 56 5.58 8.88 -8.34
C MET G 56 5.73 7.56 -9.14
N LEU G 57 6.32 6.52 -8.55
CA LEU G 57 6.42 5.19 -9.16
C LEU G 57 7.22 5.25 -10.46
N ALA G 58 8.51 5.58 -10.36
CA ALA G 58 9.34 5.82 -11.53
C ALA G 58 10.72 5.15 -11.43
N SER G 59 11.41 5.04 -12.56
CA SER G 59 12.73 4.40 -12.60
C SER G 59 13.68 5.12 -13.58
N GLN G 60 14.93 5.35 -13.22
CA GLN G 60 15.91 5.93 -14.15
C GLN G 60 17.19 5.08 -14.16
N GLN G 61 17.75 4.77 -15.33
CA GLN G 61 18.95 3.95 -15.46
C GLN G 61 19.99 4.66 -16.32
N ASN G 62 21.18 4.87 -15.77
CA ASN G 62 22.12 5.82 -16.37
C ASN G 62 23.37 5.11 -16.89
N LEU H 1 -20.28 28.37 5.57
CA LEU H 1 -19.05 28.51 4.73
C LEU H 1 -18.03 27.42 5.08
N ASP H 2 -17.69 26.60 4.08
CA ASP H 2 -16.93 25.37 4.28
C ASP H 2 -16.01 25.15 3.07
N ASN H 3 -14.70 25.13 3.32
CA ASN H 3 -13.71 25.19 2.25
C ASN H 3 -12.67 24.07 2.36
N VAL H 4 -12.31 23.46 1.21
CA VAL H 4 -11.17 22.57 1.10
C VAL H 4 -10.39 22.91 -0.17
N ALA H 5 -9.13 23.33 -0.06
CA ALA H 5 -8.41 23.84 -1.22
C ALA H 5 -6.90 23.55 -1.22
N THR H 6 -6.26 23.67 -2.41
CA THR H 6 -4.83 23.48 -2.60
C THR H 6 -4.29 24.58 -3.51
N TYR H 7 -3.18 25.23 -3.15
CA TYR H 7 -2.60 26.27 -3.99
C TYR H 7 -1.10 26.01 -4.22
N ALA H 8 -0.69 25.72 -5.47
CA ALA H 8 0.69 25.37 -5.78
C ALA H 8 1.21 26.26 -6.91
N GLY H 9 2.43 26.81 -6.81
CA GLY H 9 2.64 28.07 -7.51
C GLY H 9 4.05 28.29 -8.07
N GLN H 10 4.11 28.63 -9.35
CA GLN H 10 5.33 28.78 -10.12
C GLN H 10 6.20 27.54 -10.06
N PHE H 11 6.34 26.87 -11.20
CA PHE H 11 7.39 25.90 -11.42
C PHE H 11 8.39 26.48 -12.43
N ASN H 12 9.65 26.67 -12.02
CA ASN H 12 10.72 27.15 -12.88
C ASN H 12 11.71 26.04 -13.22
N GLN H 13 11.71 25.56 -14.47
CA GLN H 13 12.37 24.32 -14.83
C GLN H 13 12.90 24.36 -16.27
N ASP H 14 13.80 25.31 -16.58
CA ASP H 14 14.46 25.31 -17.88
C ASP H 14 15.60 24.30 -17.99
N TYR H 15 15.85 23.89 -19.25
CA TYR H 15 16.80 22.86 -19.64
C TYR H 15 16.66 21.54 -18.87
N LEU H 16 15.47 20.95 -18.79
CA LEU H 16 15.27 19.70 -18.08
C LEU H 16 15.69 18.52 -18.95
N SER H 17 16.58 17.67 -18.43
CA SER H 17 16.93 16.45 -19.15
C SER H 17 16.75 15.17 -18.33
N GLY H 18 16.29 15.25 -17.08
CA GLY H 18 15.92 14.08 -16.30
C GLY H 18 14.41 13.84 -16.25
N MET H 19 13.83 13.66 -15.05
CA MET H 19 12.42 13.36 -14.86
C MET H 19 11.81 14.20 -13.73
N ALA H 20 10.65 14.84 -13.95
CA ALA H 20 9.98 15.63 -12.92
C ALA H 20 8.49 15.29 -12.84
N ALA H 21 7.94 15.27 -11.64
CA ALA H 21 6.51 15.08 -11.42
C ALA H 21 5.94 16.23 -10.59
N ASN H 22 5.06 17.06 -11.19
CA ASN H 22 4.41 18.18 -10.50
C ASN H 22 2.96 17.82 -10.20
N MET H 23 2.63 17.22 -9.04
CA MET H 23 1.30 16.64 -8.83
C MET H 23 0.49 17.34 -7.72
N SER H 24 -0.72 17.83 -8.03
CA SER H 24 -1.56 18.52 -7.06
C SER H 24 -2.94 17.88 -7.00
N GLY H 25 -3.42 17.52 -5.81
CA GLY H 25 -4.70 16.83 -5.64
C GLY H 25 -5.51 17.32 -4.42
N THR H 26 -6.84 17.32 -4.55
CA THR H 26 -7.76 17.81 -3.55
C THR H 26 -8.92 16.82 -3.43
N PHE H 27 -9.33 16.47 -2.20
CA PHE H 27 -10.32 15.41 -2.02
C PHE H 27 -11.33 15.81 -0.98
N GLY H 28 -12.58 16.02 -1.36
CA GLY H 28 -13.59 16.46 -0.42
C GLY H 28 -13.83 15.37 0.60
N GLY H 29 -14.47 15.70 1.72
CA GLY H 29 -14.68 14.65 2.69
C GLY H 29 -15.85 14.88 3.63
N ALA H 30 -16.93 14.16 3.40
CA ALA H 30 -17.81 13.79 4.48
C ALA H 30 -18.52 12.48 4.08
N ASN H 31 -17.69 11.51 3.70
CA ASN H 31 -18.10 10.24 3.15
C ASN H 31 -18.64 9.35 4.26
N MET H 32 -19.57 8.44 3.96
CA MET H 32 -20.20 7.58 4.97
C MET H 32 -20.48 6.17 4.45
N PRO H 33 -19.51 5.24 4.42
CA PRO H 33 -19.84 3.82 4.21
C PRO H 33 -20.64 3.19 5.34
N ASN H 34 -21.78 2.55 5.04
CA ASN H 34 -22.60 1.88 6.03
C ASN H 34 -22.84 0.42 5.70
N LEU H 35 -22.75 -0.45 6.72
CA LEU H 35 -23.09 -1.86 6.62
C LEU H 35 -24.08 -2.20 7.71
N TYR H 36 -25.34 -2.50 7.35
CA TYR H 36 -26.36 -2.87 8.31
C TYR H 36 -26.32 -4.38 8.60
N GLY I 1 0.18 -37.84 -8.71
CA GLY I 1 1.43 -37.40 -9.29
C GLY I 1 1.23 -36.19 -10.19
N ASN I 2 0.25 -35.34 -9.85
CA ASN I 2 0.02 -34.12 -10.59
C ASN I 2 1.01 -33.06 -10.11
N GLN I 3 1.30 -32.09 -10.99
CA GLN I 3 2.13 -30.94 -10.63
C GLN I 3 1.73 -29.70 -11.46
N GLY I 4 2.42 -28.57 -11.21
CA GLY I 4 2.07 -27.28 -11.79
C GLY I 4 2.91 -26.98 -13.04
N GLY I 5 3.32 -25.71 -13.21
CA GLY I 5 4.11 -25.29 -14.36
C GLY I 5 5.60 -25.06 -14.04
N PHE I 6 6.32 -24.52 -15.04
CA PHE I 6 7.75 -24.30 -15.00
C PHE I 6 8.12 -23.01 -15.71
N GLY I 7 8.77 -22.01 -15.05
CA GLY I 7 9.29 -20.92 -15.85
C GLY I 7 9.97 -19.77 -15.11
N ASN I 8 10.24 -18.68 -15.87
CA ASN I 8 10.90 -17.48 -15.40
C ASN I 8 10.04 -16.23 -15.66
N SER I 9 10.07 -15.24 -14.76
CA SER I 9 9.46 -13.93 -15.01
C SER I 9 10.29 -12.76 -14.48
N ARG I 10 10.14 -11.60 -15.14
CA ARG I 10 10.76 -10.35 -14.72
C ARG I 10 9.76 -9.20 -14.79
N GLY I 11 9.41 -8.64 -13.63
CA GLY I 11 8.53 -7.49 -13.57
C GLY I 11 7.10 -7.86 -13.20
N GLY I 12 6.55 -8.84 -13.94
CA GLY I 12 5.13 -9.15 -13.88
C GLY I 12 4.84 -10.31 -12.94
N GLY I 13 3.54 -10.46 -12.61
CA GLY I 13 3.07 -11.50 -11.72
C GLY I 13 2.89 -12.82 -12.45
N ALA I 14 3.22 -13.94 -11.78
CA ALA I 14 3.26 -15.24 -12.43
C ALA I 14 2.54 -16.31 -11.62
N GLY I 15 1.60 -17.01 -12.25
CA GLY I 15 0.88 -18.11 -11.62
C GLY I 15 1.21 -19.48 -12.22
N LEU I 16 1.75 -20.39 -11.38
CA LEU I 16 2.24 -21.70 -11.82
C LEU I 16 1.68 -22.81 -10.93
N GLY I 17 0.49 -22.64 -10.39
CA GLY I 17 -0.06 -23.60 -9.44
C GLY I 17 -0.53 -24.92 -10.06
N ASN I 18 -0.68 -25.95 -9.21
CA ASN I 18 -1.49 -27.11 -9.49
C ASN I 18 -2.91 -26.79 -8.99
N ASN I 19 -3.86 -26.56 -9.93
CA ASN I 19 -5.20 -26.10 -9.58
C ASN I 19 -6.28 -27.14 -9.90
N GLN I 20 -5.87 -28.36 -10.20
CA GLN I 20 -6.79 -29.39 -10.68
C GLN I 20 -7.96 -29.63 -9.73
N GLY I 21 -9.19 -29.61 -10.26
CA GLY I 21 -10.41 -29.85 -9.50
C GLY I 21 -10.87 -28.74 -8.54
N SER I 22 -10.29 -27.53 -8.59
CA SER I 22 -10.59 -26.45 -7.66
C SER I 22 -11.75 -25.55 -8.12
N ASN I 23 -12.26 -24.73 -7.19
CA ASN I 23 -13.17 -23.63 -7.48
C ASN I 23 -12.41 -22.29 -7.42
N MET I 24 -11.92 -21.82 -8.56
CA MET I 24 -11.15 -20.59 -8.69
C MET I 24 -9.77 -20.65 -8.02
N GLY I 25 -9.12 -21.82 -7.93
CA GLY I 25 -7.77 -21.92 -7.36
C GLY I 25 -6.70 -21.29 -8.25
N GLY I 26 -5.62 -20.75 -7.66
CA GLY I 26 -4.55 -20.14 -8.41
C GLY I 26 -3.89 -18.89 -7.79
N GLY I 27 -4.59 -18.12 -6.93
CA GLY I 27 -4.02 -16.93 -6.29
C GLY I 27 -4.27 -15.62 -7.05
N MET I 28 -4.05 -14.47 -6.39
CA MET I 28 -4.03 -13.15 -7.02
C MET I 28 -2.60 -12.64 -7.03
N ASN I 29 -1.96 -12.47 -8.20
CA ASN I 29 -0.52 -12.22 -8.31
C ASN I 29 -0.20 -10.90 -9.04
N PHE I 30 0.49 -9.95 -8.40
CA PHE I 30 0.63 -8.57 -8.89
C PHE I 30 2.07 -8.17 -9.22
N GLY I 31 2.28 -7.26 -10.18
CA GLY I 31 3.60 -6.86 -10.66
C GLY I 31 4.15 -5.62 -9.95
N ALA I 32 5.39 -5.24 -10.25
CA ALA I 32 6.06 -4.14 -9.58
C ALA I 32 5.59 -2.77 -10.08
N PHE I 33 5.84 -1.71 -9.27
CA PHE I 33 5.45 -0.35 -9.57
C PHE I 33 3.95 -0.23 -9.85
N SER I 34 3.08 -0.35 -8.85
CA SER I 34 1.65 -0.31 -9.16
C SER I 34 0.77 0.20 -8.01
N ILE I 35 -0.51 0.51 -8.31
CA ILE I 35 -1.54 0.82 -7.32
C ILE I 35 -2.70 -0.18 -7.45
N ASN I 36 -3.06 -0.90 -6.37
CA ASN I 36 -3.93 -2.06 -6.50
C ASN I 36 -4.74 -2.36 -5.25
N PRO I 37 -5.83 -1.66 -4.96
CA PRO I 37 -6.68 -2.07 -3.85
C PRO I 37 -7.37 -3.40 -4.17
N ALA I 38 -7.38 -4.37 -3.23
CA ALA I 38 -7.71 -5.78 -3.52
C ALA I 38 -8.61 -6.42 -2.47
N MET I 39 -9.51 -7.33 -2.87
CA MET I 39 -10.44 -7.97 -1.95
C MET I 39 -10.76 -9.41 -2.35
N MET I 40 -10.76 -10.33 -1.38
CA MET I 40 -11.10 -11.74 -1.64
C MET I 40 -12.11 -12.23 -0.63
N ALA I 41 -13.29 -12.72 -1.05
CA ALA I 41 -14.35 -13.00 -0.07
C ALA I 41 -15.12 -14.29 -0.36
N ALA I 42 -15.50 -15.00 0.71
CA ALA I 42 -16.50 -16.04 0.61
C ALA I 42 -17.64 -15.74 1.57
N ALA I 43 -18.80 -15.31 1.03
CA ALA I 43 -19.83 -14.65 1.83
C ALA I 43 -21.22 -14.72 1.20
N GLN I 44 -22.25 -14.38 1.96
CA GLN I 44 -23.57 -14.21 1.37
C GLN I 44 -23.67 -12.92 0.54
N ALA I 45 -22.97 -11.83 0.93
CA ALA I 45 -23.02 -10.55 0.19
C ALA I 45 -21.72 -9.77 0.29
N ALA I 46 -21.27 -9.13 -0.80
CA ALA I 46 -19.96 -8.48 -0.78
C ALA I 46 -19.90 -7.24 -1.69
N LEU I 47 -19.29 -6.13 -1.23
CA LEU I 47 -19.23 -4.86 -1.98
C LEU I 47 -17.86 -4.19 -1.91
N GLN I 48 -17.28 -3.80 -3.05
CA GLN I 48 -16.05 -3.00 -3.06
C GLN I 48 -16.26 -1.64 -3.74
N SER I 49 -15.70 -0.52 -3.20
CA SER I 49 -15.75 0.83 -3.79
C SER I 49 -14.42 1.59 -3.66
N SER I 50 -13.92 2.26 -4.70
CA SER I 50 -12.61 2.94 -4.67
C SER I 50 -12.58 4.18 -5.57
N TRP I 51 -11.93 5.29 -5.15
CA TRP I 51 -11.80 6.45 -6.03
C TRP I 51 -10.58 7.31 -5.74
N GLY I 52 -10.11 8.04 -6.75
CA GLY I 52 -9.03 9.00 -6.59
C GLY I 52 -7.65 8.34 -6.49
N MET I 53 -7.05 8.00 -7.63
CA MET I 53 -5.79 7.29 -7.71
C MET I 53 -4.91 7.94 -8.76
N MET I 54 -3.79 8.55 -8.39
CA MET I 54 -2.93 9.26 -9.33
C MET I 54 -1.48 8.76 -9.25
N GLY I 55 -0.80 8.63 -10.40
CA GLY I 55 0.60 8.22 -10.44
C GLY I 55 1.32 8.73 -11.69
N MET I 56 2.65 8.76 -11.66
CA MET I 56 3.44 9.00 -12.85
C MET I 56 3.62 7.71 -13.67
N LEU I 57 4.24 6.68 -13.09
CA LEU I 57 4.38 5.36 -13.72
C LEU I 57 5.18 5.46 -15.01
N ALA I 58 6.46 5.82 -14.92
CA ALA I 58 7.28 6.11 -16.08
C ALA I 58 8.68 5.48 -15.99
N SER I 59 9.38 5.40 -17.12
CA SER I 59 10.71 4.80 -17.17
C SER I 59 11.63 5.55 -18.14
N GLN I 60 12.89 5.81 -17.78
CA GLN I 60 13.84 6.43 -18.70
C GLN I 60 15.15 5.62 -18.72
N GLN I 61 15.71 5.36 -19.90
CA GLN I 61 16.94 4.57 -20.04
C GLN I 61 17.95 5.32 -20.89
N ASN I 62 19.15 5.55 -20.35
CA ASN I 62 20.05 6.54 -20.93
C ASN I 62 21.31 5.87 -21.46
N LEU J 1 -22.98 27.56 1.31
CA LEU J 1 -21.75 27.74 0.47
C LEU J 1 -20.70 26.69 0.81
N ASP J 2 -20.34 25.89 -0.20
CA ASP J 2 -19.54 24.69 -0.02
C ASP J 2 -18.61 24.49 -1.23
N ASN J 3 -17.30 24.50 -0.99
CA ASN J 3 -16.32 24.61 -2.05
C ASN J 3 -15.25 23.52 -1.96
N VAL J 4 -14.88 22.94 -3.11
CA VAL J 4 -13.70 22.09 -3.24
C VAL J 4 -12.94 22.47 -4.49
N ALA J 5 -11.69 22.92 -4.39
CA ALA J 5 -10.98 23.47 -5.53
C ALA J 5 -9.47 23.22 -5.54
N THR J 6 -8.84 23.38 -6.73
CA THR J 6 -7.39 23.22 -6.93
C THR J 6 -6.90 24.36 -7.83
N TYR J 7 -5.80 25.02 -7.46
CA TYR J 7 -5.25 26.10 -8.29
C TYR J 7 -3.74 25.88 -8.52
N ALA J 8 -3.34 25.62 -9.77
CA ALA J 8 -1.93 25.32 -10.09
C ALA J 8 -1.45 26.24 -11.21
N GLY J 9 -0.25 26.82 -11.11
CA GLY J 9 -0.06 28.09 -11.79
C GLY J 9 1.33 28.36 -12.34
N GLN J 10 1.38 28.71 -13.63
CA GLN J 10 2.58 28.92 -14.39
C GLN J 10 3.50 27.71 -14.35
N PHE J 11 3.65 27.06 -15.50
CA PHE J 11 4.73 26.11 -15.73
C PHE J 11 5.72 26.74 -16.73
N ASN J 12 6.98 26.96 -16.32
CA ASN J 12 8.03 27.49 -17.18
C ASN J 12 9.05 26.41 -17.53
N GLN J 13 9.06 25.94 -18.79
CA GLN J 13 9.75 24.72 -19.16
C GLN J 13 10.28 24.81 -20.60
N ASP J 14 11.16 25.78 -20.90
CA ASP J 14 11.81 25.82 -22.21
C ASP J 14 12.98 24.83 -22.32
N TYR J 15 13.24 24.45 -23.58
CA TYR J 15 14.23 23.45 -23.99
C TYR J 15 14.13 22.12 -23.24
N LEU J 16 12.95 21.50 -23.17
CA LEU J 16 12.79 20.23 -22.47
C LEU J 16 13.24 19.06 -23.35
N SER J 17 14.15 18.23 -22.84
CA SER J 17 14.55 17.05 -23.58
C SER J 17 14.40 15.75 -22.77
N GLY J 18 13.94 15.80 -21.52
CA GLY J 18 13.60 14.60 -20.75
C GLY J 18 12.10 14.33 -20.71
N MET J 19 11.53 14.11 -19.51
CA MET J 19 10.13 13.76 -19.33
C MET J 19 9.50 14.58 -18.18
N ALA J 20 8.33 15.18 -18.39
CA ALA J 20 7.62 15.95 -17.35
C ALA J 20 6.15 15.55 -17.28
N ALA J 21 5.60 15.50 -16.07
CA ALA J 21 4.19 15.27 -15.86
C ALA J 21 3.57 16.39 -15.01
N ASN J 22 2.67 17.21 -15.60
CA ASN J 22 1.98 18.29 -14.89
C ASN J 22 0.55 17.89 -14.60
N MET J 23 0.24 17.27 -13.45
CA MET J 23 -1.08 16.65 -13.25
C MET J 23 -1.90 17.30 -12.13
N SER J 24 -3.13 17.77 -12.42
CA SER J 24 -4.00 18.42 -11.44
C SER J 24 -5.35 17.74 -11.39
N GLY J 25 -5.82 17.34 -10.21
CA GLY J 25 -7.07 16.61 -10.05
C GLY J 25 -7.89 17.07 -8.83
N THR J 26 -9.23 17.04 -8.95
CA THR J 26 -10.17 17.48 -7.94
C THR J 26 -11.29 16.46 -7.83
N PHE J 27 -11.69 16.08 -6.61
CA PHE J 27 -12.64 14.98 -6.44
C PHE J 27 -13.67 15.34 -5.39
N GLY J 28 -14.92 15.52 -5.78
CA GLY J 28 -15.94 15.92 -4.82
C GLY J 28 -16.14 14.81 -3.82
N GLY J 29 -16.80 15.11 -2.70
CA GLY J 29 -16.97 14.05 -1.74
C GLY J 29 -18.15 14.23 -0.79
N ALA J 30 -19.20 13.48 -1.04
CA ALA J 30 -20.07 13.07 0.04
C ALA J 30 -20.74 11.75 -0.37
N ASN J 31 -19.90 10.80 -0.76
CA ASN J 31 -20.26 9.54 -1.33
C ASN J 31 -20.77 8.61 -0.23
N MET J 32 -21.69 7.67 -0.54
CA MET J 32 -22.28 6.79 0.46
C MET J 32 -22.53 5.37 -0.07
N PRO J 33 -21.53 4.47 -0.12
CA PRO J 33 -21.81 3.05 -0.34
C PRO J 33 -22.59 2.37 0.78
N ASN J 34 -23.71 1.71 0.48
CA ASN J 34 -24.52 1.00 1.46
C ASN J 34 -24.70 -0.46 1.10
N LEU J 35 -24.59 -1.32 2.11
CA LEU J 35 -24.89 -2.75 2.00
C LEU J 35 -25.88 -3.13 3.09
N TYR J 36 -27.11 -3.46 2.72
CA TYR J 36 -28.13 -3.88 3.69
C TYR J 36 -28.04 -5.39 3.96
#